data_4APD
#
_entry.id   4APD
#
_cell.length_a   1.000
_cell.length_b   1.000
_cell.length_c   1.000
_cell.angle_alpha   90.00
_cell.angle_beta   90.00
_cell.angle_gamma   90.00
#
_symmetry.space_group_name_H-M   'P 1'
#
loop_
_entity.id
_entity.type
_entity.pdbx_description
1 polymer 'Glucagon-like peptide 1(7-37)'
2 non-polymer 'N-hexadecanoyl-L-glutamic acid'
#
_entity_poly.entity_id   1
_entity_poly.type   'polypeptide(L)'
_entity_poly.pdbx_seq_one_letter_code
;HAEGTFTSDVSSYLEGQAAKEFIAWLVRGRG
;
_entity_poly.pdbx_strand_id   A
#
# COMPACT_ATOMS: atom_id res chain seq x y z
N HIS A 1 27.29 -1.34 -8.94
CA HIS A 1 26.60 -1.87 -7.73
C HIS A 1 25.86 -0.76 -6.99
N ALA A 2 24.53 -0.81 -7.03
CA ALA A 2 23.71 0.19 -6.37
C ALA A 2 22.64 -0.47 -5.51
N GLU A 3 21.93 0.33 -4.72
CA GLU A 3 20.87 -0.16 -3.86
C GLU A 3 19.55 -0.24 -4.61
N GLY A 4 18.56 -0.87 -3.98
CA GLY A 4 17.26 -1.00 -4.61
C GLY A 4 16.21 -0.13 -3.96
N THR A 5 15.00 -0.12 -4.53
CA THR A 5 13.91 0.67 -4.00
C THR A 5 13.42 0.09 -2.67
N PHE A 6 13.45 0.91 -1.62
CA PHE A 6 13.01 0.47 -0.30
C PHE A 6 12.92 1.66 0.66
N THR A 7 13.95 2.49 0.68
CA THR A 7 13.99 3.66 1.55
C THR A 7 12.69 4.46 1.46
N SER A 8 12.09 4.47 0.27
CA SER A 8 10.85 5.19 0.05
C SER A 8 9.64 4.32 0.33
N ASP A 9 9.65 3.12 -0.25
CA ASP A 9 8.54 2.17 -0.07
C ASP A 9 8.36 1.82 1.40
N VAL A 10 9.45 1.82 2.15
CA VAL A 10 9.40 1.49 3.57
C VAL A 10 8.49 2.45 4.34
N SER A 11 8.23 3.61 3.75
CA SER A 11 7.36 4.60 4.38
C SER A 11 5.90 4.41 4.00
N SER A 12 5.68 3.70 2.89
CA SER A 12 4.33 3.46 2.40
C SER A 12 3.72 2.18 2.98
N TYR A 13 4.56 1.17 3.22
CA TYR A 13 4.07 -0.09 3.75
C TYR A 13 3.27 0.13 5.04
N LEU A 14 3.61 1.18 5.78
CA LEU A 14 2.92 1.50 7.02
C LEU A 14 1.42 1.64 6.80
N GLU A 15 1.03 2.06 5.61
CA GLU A 15 -0.37 2.23 5.27
C GLU A 15 -0.94 1.00 4.56
N GLY A 16 -0.07 0.27 3.88
CA GLY A 16 -0.49 -0.92 3.16
C GLY A 16 -1.00 -0.59 1.77
N GLN A 17 -0.29 -1.07 0.75
CA GLN A 17 -0.68 -0.83 -0.63
C GLN A 17 -1.60 -1.92 -1.15
N ALA A 18 -1.01 -3.06 -1.52
CA ALA A 18 -1.78 -4.18 -2.04
C ALA A 18 -2.92 -4.59 -1.11
N ALA A 19 -2.56 -4.86 0.15
CA ALA A 19 -3.56 -5.26 1.14
C ALA A 19 -4.70 -4.26 1.23
N LYS A 20 -4.43 -3.11 1.83
CA LYS A 20 -5.44 -2.06 1.99
C LYS A 20 -6.20 -1.82 0.69
N GLU A 21 -5.57 -2.13 -0.44
CA GLU A 21 -6.20 -1.95 -1.74
C GLU A 21 -7.65 -2.46 -1.74
N PHE A 22 -7.93 -3.45 -0.88
CA PHE A 22 -9.26 -4.02 -0.79
C PHE A 22 -10.23 -3.04 -0.12
N ILE A 23 -9.74 -2.31 0.87
CA ILE A 23 -10.57 -1.34 1.60
C ILE A 23 -11.42 -0.50 0.65
N ALA A 24 -10.90 -0.27 -0.55
CA ALA A 24 -11.60 0.51 -1.56
C ALA A 24 -12.88 -0.19 -2.02
N TRP A 25 -12.82 -1.51 -2.11
CA TRP A 25 -13.97 -2.30 -2.54
C TRP A 25 -15.15 -2.08 -1.59
N LEU A 26 -14.97 -2.44 -0.33
CA LEU A 26 -16.03 -2.30 0.67
C LEU A 26 -16.53 -0.86 0.75
N VAL A 27 -15.61 0.08 0.94
CA VAL A 27 -15.98 1.49 1.03
C VAL A 27 -16.73 1.94 -0.22
N ARG A 28 -16.42 1.30 -1.34
CA ARG A 28 -17.07 1.64 -2.61
C ARG A 28 -18.08 0.57 -3.01
N GLY A 29 -19.03 0.28 -2.11
CA GLY A 29 -20.04 -0.72 -2.38
C GLY A 29 -20.32 -1.60 -1.18
N ARG A 30 -20.57 -0.96 -0.03
CA ARG A 30 -20.86 -1.69 1.19
C ARG A 30 -21.54 -0.79 2.22
N GLY A 31 -22.42 0.08 1.73
CA GLY A 31 -23.12 0.98 2.61
C GLY A 31 -22.62 2.41 2.51
N HIS A 1 29.72 1.95 -3.64
CA HIS A 1 28.55 1.22 -3.06
C HIS A 1 27.24 1.67 -3.71
N ALA A 2 26.70 0.83 -4.59
CA ALA A 2 25.46 1.13 -5.27
C ALA A 2 24.26 0.73 -4.42
N GLU A 3 23.07 1.15 -4.86
CA GLU A 3 21.84 0.84 -4.14
C GLU A 3 20.61 1.22 -4.96
N GLY A 4 19.57 0.41 -4.87
CA GLY A 4 18.35 0.67 -5.61
C GLY A 4 17.39 1.56 -4.85
N THR A 5 16.17 1.68 -5.37
CA THR A 5 15.15 2.52 -4.72
C THR A 5 14.69 1.89 -3.41
N PHE A 6 14.49 2.73 -2.40
CA PHE A 6 14.05 2.26 -1.10
C PHE A 6 12.99 3.20 -0.50
N THR A 7 13.22 4.50 -0.64
CA THR A 7 12.30 5.50 -0.11
C THR A 7 10.84 5.14 -0.41
N SER A 8 10.60 4.60 -1.61
CA SER A 8 9.26 4.21 -2.01
C SER A 8 8.98 2.76 -1.63
N ASP A 9 10.04 1.97 -1.54
CA ASP A 9 9.89 0.56 -1.18
C ASP A 9 9.64 0.39 0.31
N VAL A 10 10.10 1.34 1.11
CA VAL A 10 9.93 1.30 2.55
C VAL A 10 8.46 1.09 2.93
N SER A 11 7.64 2.10 2.67
CA SER A 11 6.22 2.03 2.98
C SER A 11 5.60 0.71 2.49
N SER A 12 6.20 0.13 1.46
CA SER A 12 5.71 -1.11 0.90
C SER A 12 5.85 -2.27 1.89
N TYR A 13 7.02 -2.41 2.50
CA TYR A 13 7.26 -3.48 3.46
C TYR A 13 6.31 -3.37 4.65
N LEU A 14 5.90 -2.13 4.96
CA LEU A 14 5.00 -1.90 6.08
C LEU A 14 3.59 -2.39 5.75
N GLU A 15 2.87 -1.61 4.94
CA GLU A 15 1.51 -1.97 4.55
C GLU A 15 1.20 -1.47 3.14
N GLY A 16 1.01 -0.17 3.01
CA GLY A 16 0.71 0.41 1.71
C GLY A 16 -0.64 -0.02 1.17
N GLN A 17 -0.65 -0.51 -0.05
CA GLN A 17 -1.87 -0.97 -0.69
C GLN A 17 -2.48 -2.17 0.05
N ALA A 18 -1.66 -2.85 0.85
CA ALA A 18 -2.11 -4.00 1.62
C ALA A 18 -3.38 -3.69 2.40
N ALA A 19 -3.35 -2.61 3.17
CA ALA A 19 -4.50 -2.19 3.96
C ALA A 19 -5.63 -1.69 3.06
N LYS A 20 -5.26 -0.97 2.01
CA LYS A 20 -6.23 -0.43 1.07
C LYS A 20 -7.29 -1.45 0.68
N GLU A 21 -6.93 -2.73 0.76
CA GLU A 21 -7.85 -3.81 0.41
C GLU A 21 -9.22 -3.61 1.05
N PHE A 22 -9.26 -2.93 2.19
CA PHE A 22 -10.52 -2.67 2.89
C PHE A 22 -11.42 -1.77 2.05
N ILE A 23 -10.81 -0.81 1.37
CA ILE A 23 -11.55 0.13 0.53
C ILE A 23 -12.39 -0.60 -0.52
N ALA A 24 -12.05 -1.86 -0.78
CA ALA A 24 -12.78 -2.64 -1.77
C ALA A 24 -14.19 -2.96 -1.29
N TRP A 25 -14.42 -2.86 0.03
CA TRP A 25 -15.73 -3.15 0.61
C TRP A 25 -16.66 -1.94 0.61
N LEU A 26 -16.28 -0.88 1.33
CA LEU A 26 -17.11 0.32 1.41
C LEU A 26 -17.44 0.90 0.04
N VAL A 27 -16.67 0.54 -0.98
CA VAL A 27 -16.91 1.04 -2.33
C VAL A 27 -18.01 0.22 -3.01
N ARG A 28 -18.25 -0.99 -2.52
CA ARG A 28 -19.27 -1.85 -3.09
C ARG A 28 -20.44 -2.05 -2.12
N GLY A 29 -21.31 -1.05 -2.05
CA GLY A 29 -22.45 -1.13 -1.16
C GLY A 29 -22.58 0.07 -0.25
N ARG A 30 -21.44 0.59 0.21
CA ARG A 30 -21.43 1.75 1.09
C ARG A 30 -21.12 3.03 0.32
N GLY A 31 -21.04 4.15 1.04
CA GLY A 31 -20.75 5.42 0.41
C GLY A 31 -21.83 6.44 0.64
N HIS A 1 28.83 5.19 -3.60
CA HIS A 1 27.71 4.87 -4.52
C HIS A 1 26.80 3.81 -3.93
N ALA A 2 25.51 4.14 -3.78
CA ALA A 2 24.54 3.22 -3.22
C ALA A 2 23.32 3.10 -4.12
N GLU A 3 22.80 1.89 -4.24
CA GLU A 3 21.62 1.64 -5.08
C GLU A 3 20.34 1.70 -4.24
N GLY A 4 19.46 2.62 -4.60
CA GLY A 4 18.21 2.77 -3.88
C GLY A 4 17.01 2.82 -4.80
N THR A 5 15.82 2.95 -4.21
CA THR A 5 14.58 3.01 -4.99
C THR A 5 13.51 3.79 -4.24
N PHE A 6 12.45 4.17 -4.95
CA PHE A 6 11.36 4.92 -4.35
C PHE A 6 10.10 4.06 -4.27
N THR A 7 9.83 3.31 -5.34
CA THR A 7 8.65 2.45 -5.39
C THR A 7 8.66 1.44 -4.24
N SER A 8 9.84 0.89 -3.95
CA SER A 8 9.98 -0.08 -2.88
C SER A 8 9.96 0.60 -1.51
N ASP A 9 10.44 1.84 -1.47
CA ASP A 9 10.48 2.61 -0.22
C ASP A 9 9.07 2.94 0.24
N VAL A 10 8.23 3.37 -0.69
CA VAL A 10 6.84 3.72 -0.37
C VAL A 10 6.02 2.47 -0.05
N SER A 11 6.16 1.44 -0.89
CA SER A 11 5.43 0.20 -0.70
C SER A 11 5.71 -0.42 0.67
N SER A 12 6.82 -0.01 1.28
CA SER A 12 7.20 -0.53 2.59
C SER A 12 6.09 -0.35 3.62
N TYR A 13 5.25 0.66 3.43
CA TYR A 13 4.15 0.90 4.36
C TYR A 13 3.04 -0.13 4.20
N LEU A 14 2.67 -0.42 2.95
CA LEU A 14 1.63 -1.40 2.68
C LEU A 14 2.20 -2.81 2.61
N GLU A 15 1.73 -3.68 3.49
CA GLU A 15 2.19 -5.06 3.53
C GLU A 15 1.39 -5.87 4.55
N GLY A 16 0.74 -6.93 4.07
CA GLY A 16 -0.06 -7.78 4.94
C GLY A 16 -1.53 -7.70 4.63
N GLN A 17 -2.33 -8.45 5.39
CA GLN A 17 -3.78 -8.47 5.19
C GLN A 17 -4.43 -7.28 5.87
N ALA A 18 -3.77 -6.73 6.88
CA ALA A 18 -4.29 -5.58 7.61
C ALA A 18 -4.67 -4.45 6.67
N ALA A 19 -3.86 -4.23 5.65
CA ALA A 19 -4.11 -3.17 4.68
C ALA A 19 -5.13 -3.61 3.63
N LYS A 20 -5.30 -4.92 3.48
CA LYS A 20 -6.25 -5.45 2.51
C LYS A 20 -7.69 -5.13 2.89
N GLU A 21 -7.90 -4.80 4.16
CA GLU A 21 -9.24 -4.51 4.67
C GLU A 21 -9.82 -3.24 4.05
N PHE A 22 -9.05 -2.15 4.03
CA PHE A 22 -9.53 -0.88 3.48
C PHE A 22 -9.99 -1.01 2.03
N ILE A 23 -9.53 -2.05 1.35
CA ILE A 23 -9.92 -2.26 -0.03
C ILE A 23 -11.43 -2.45 -0.15
N ALA A 24 -12.05 -2.81 0.98
CA ALA A 24 -13.50 -3.02 1.01
C ALA A 24 -14.24 -1.70 1.15
N TRP A 25 -13.71 -0.80 1.99
CA TRP A 25 -14.34 0.51 2.19
C TRP A 25 -14.25 1.36 0.93
N LEU A 26 -13.01 1.66 0.53
CA LEU A 26 -12.78 2.51 -0.63
C LEU A 26 -13.58 2.03 -1.85
N VAL A 27 -13.85 0.72 -1.90
CA VAL A 27 -14.62 0.16 -2.99
C VAL A 27 -16.12 0.17 -2.69
N ARG A 28 -16.46 -0.08 -1.43
CA ARG A 28 -17.87 -0.10 -1.01
C ARG A 28 -18.27 1.23 -0.38
N GLY A 29 -19.23 1.90 -1.01
CA GLY A 29 -19.69 3.18 -0.49
C GLY A 29 -19.16 4.36 -1.28
N ARG A 30 -17.93 4.23 -1.77
CA ARG A 30 -17.32 5.29 -2.55
C ARG A 30 -17.48 5.05 -4.04
N GLY A 31 -17.57 6.14 -4.81
CA GLY A 31 -17.73 6.01 -6.25
C GLY A 31 -17.96 7.35 -6.92
N HIS A 1 27.27 -0.09 -4.51
CA HIS A 1 26.48 0.48 -5.64
C HIS A 1 25.59 1.62 -5.17
N ALA A 2 25.53 2.68 -5.95
CA ALA A 2 24.72 3.85 -5.61
C ALA A 2 23.46 3.91 -6.49
N GLU A 3 22.33 3.52 -5.91
CA GLU A 3 21.06 3.54 -6.64
C GLU A 3 19.90 3.74 -5.68
N GLY A 4 18.83 4.38 -6.18
CA GLY A 4 17.67 4.62 -5.36
C GLY A 4 16.61 3.54 -5.50
N THR A 5 15.59 3.59 -4.66
CA THR A 5 14.51 2.61 -4.69
C THR A 5 13.24 3.17 -4.06
N PHE A 6 12.10 2.67 -4.51
CA PHE A 6 10.82 3.13 -3.98
C PHE A 6 9.89 1.94 -3.71
N THR A 7 9.85 1.00 -4.65
CA THR A 7 9.00 -0.19 -4.51
C THR A 7 9.13 -0.81 -3.12
N SER A 8 10.29 -0.64 -2.50
CA SER A 8 10.53 -1.18 -1.17
C SER A 8 9.85 -0.32 -0.10
N ASP A 9 10.06 0.98 -0.18
CA ASP A 9 9.47 1.91 0.78
C ASP A 9 7.95 1.95 0.64
N VAL A 10 7.46 1.71 -0.57
CA VAL A 10 6.03 1.73 -0.84
C VAL A 10 5.30 0.70 0.03
N SER A 11 6.01 -0.34 0.44
CA SER A 11 5.43 -1.39 1.27
C SER A 11 5.57 -1.08 2.76
N SER A 12 6.50 -0.19 3.09
CA SER A 12 6.75 0.17 4.49
C SER A 12 5.82 1.29 4.97
N TYR A 13 5.37 2.14 4.05
CA TYR A 13 4.50 3.25 4.41
C TYR A 13 3.15 2.75 4.93
N LEU A 14 2.74 1.56 4.49
CA LEU A 14 1.47 0.99 4.92
C LEU A 14 1.61 0.28 6.26
N GLU A 15 2.52 -0.68 6.33
CA GLU A 15 2.75 -1.43 7.56
C GLU A 15 1.51 -2.22 7.95
N GLY A 16 0.73 -2.63 6.96
CA GLY A 16 -0.48 -3.39 7.22
C GLY A 16 -1.39 -3.45 6.00
N GLN A 17 -0.82 -3.76 4.85
CA GLN A 17 -1.59 -3.86 3.61
C GLN A 17 -2.69 -4.90 3.73
N ALA A 18 -2.48 -5.90 4.59
CA ALA A 18 -3.45 -6.97 4.78
C ALA A 18 -4.83 -6.41 5.07
N ALA A 19 -4.88 -5.25 5.74
CA ALA A 19 -6.13 -4.61 6.08
C ALA A 19 -6.57 -3.66 4.98
N LYS A 20 -5.61 -2.97 4.38
CA LYS A 20 -5.91 -2.03 3.31
C LYS A 20 -6.65 -2.70 2.16
N GLU A 21 -6.54 -4.03 2.08
CA GLU A 21 -7.20 -4.79 1.03
C GLU A 21 -8.70 -4.52 1.02
N PHE A 22 -9.36 -4.74 2.16
CA PHE A 22 -10.80 -4.53 2.26
C PHE A 22 -11.16 -3.07 1.96
N ILE A 23 -10.30 -2.15 2.36
CA ILE A 23 -10.54 -0.72 2.13
C ILE A 23 -10.81 -0.42 0.66
N ALA A 24 -10.25 -1.26 -0.22
CA ALA A 24 -10.43 -1.09 -1.66
C ALA A 24 -11.92 -1.11 -2.02
N TRP A 25 -12.64 -2.07 -1.48
CA TRP A 25 -14.08 -2.21 -1.75
C TRP A 25 -14.81 -0.91 -1.42
N LEU A 26 -14.69 -0.47 -0.16
CA LEU A 26 -15.34 0.75 0.29
C LEU A 26 -14.86 1.96 -0.52
N VAL A 27 -13.55 2.14 -0.56
CA VAL A 27 -12.95 3.25 -1.30
C VAL A 27 -13.43 3.26 -2.75
N ARG A 28 -13.24 2.14 -3.44
CA ARG A 28 -13.65 2.02 -4.83
C ARG A 28 -15.15 2.26 -4.98
N GLY A 29 -15.95 1.50 -4.24
CA GLY A 29 -17.39 1.65 -4.30
C GLY A 29 -18.09 1.06 -3.09
N ARG A 30 -18.26 1.86 -2.05
CA ARG A 30 -18.91 1.40 -0.83
C ARG A 30 -20.43 1.51 -0.96
N GLY A 31 -20.91 2.67 -1.41
CA GLY A 31 -22.34 2.87 -1.58
C GLY A 31 -22.73 4.32 -1.40
N HIS A 1 9.88 -0.56 -10.94
CA HIS A 1 11.14 -0.57 -10.15
C HIS A 1 10.89 -0.97 -8.71
N ALA A 2 11.05 -2.26 -8.42
CA ALA A 2 10.84 -2.78 -7.07
C ALA A 2 12.13 -2.71 -6.25
N GLU A 3 11.97 -2.47 -4.95
CA GLU A 3 13.11 -2.37 -4.05
C GLU A 3 12.81 -3.02 -2.70
N GLY A 4 13.72 -2.87 -1.76
CA GLY A 4 13.52 -3.44 -0.44
C GLY A 4 12.43 -2.74 0.35
N THR A 5 11.66 -3.51 1.10
CA THR A 5 10.56 -2.95 1.90
C THR A 5 10.11 -3.94 2.97
N PHE A 6 10.07 -3.48 4.22
CA PHE A 6 9.63 -4.34 5.31
C PHE A 6 9.28 -3.55 6.58
N THR A 7 10.27 -3.22 7.40
CA THR A 7 10.06 -2.45 8.60
C THR A 7 10.31 -0.96 8.37
N SER A 8 11.59 -0.61 8.19
CA SER A 8 11.99 0.78 7.96
C SER A 8 11.85 1.15 6.48
N ASP A 9 12.35 0.29 5.61
CA ASP A 9 12.27 0.52 4.16
C ASP A 9 10.87 0.98 3.78
N VAL A 10 9.91 0.52 4.58
CA VAL A 10 8.50 0.85 4.38
C VAL A 10 8.29 2.32 4.01
N SER A 11 9.01 3.21 4.69
CA SER A 11 8.91 4.64 4.43
C SER A 11 8.98 4.93 2.93
N SER A 12 9.63 4.04 2.19
CA SER A 12 9.77 4.20 0.75
C SER A 12 8.46 3.92 0.02
N TYR A 13 7.70 2.94 0.50
CA TYR A 13 6.43 2.59 -0.13
C TYR A 13 5.45 3.75 -0.05
N LEU A 14 5.69 4.67 0.89
CA LEU A 14 4.83 5.82 1.07
C LEU A 14 4.93 6.78 -0.11
N GLU A 15 4.41 6.35 -1.26
CA GLU A 15 4.44 7.17 -2.47
C GLU A 15 3.03 7.39 -3.01
N GLY A 16 2.47 6.36 -3.63
CA GLY A 16 1.14 6.46 -4.19
C GLY A 16 0.06 6.01 -3.20
N GLN A 17 -0.64 6.96 -2.62
CA GLN A 17 -1.70 6.66 -1.66
C GLN A 17 -2.70 5.67 -2.24
N ALA A 18 -2.85 5.70 -3.57
CA ALA A 18 -3.78 4.81 -4.25
C ALA A 18 -3.57 3.36 -3.83
N ALA A 19 -2.34 3.04 -3.44
CA ALA A 19 -2.02 1.68 -3.01
C ALA A 19 -2.87 1.27 -1.82
N LYS A 20 -3.16 2.21 -0.95
CA LYS A 20 -3.98 1.93 0.23
C LYS A 20 -5.47 2.18 -0.07
N GLU A 21 -5.74 2.94 -1.13
CA GLU A 21 -7.10 3.26 -1.53
C GLU A 21 -7.89 1.99 -1.84
N PHE A 22 -7.20 0.95 -2.31
CA PHE A 22 -7.86 -0.31 -2.65
C PHE A 22 -8.11 -1.15 -1.40
N ILE A 23 -7.11 -1.22 -0.51
CA ILE A 23 -7.25 -1.99 0.72
C ILE A 23 -8.54 -1.66 1.45
N ALA A 24 -9.04 -0.44 1.25
CA ALA A 24 -10.28 -0.01 1.89
C ALA A 24 -11.48 -0.63 1.18
N TRP A 25 -11.34 -0.84 -0.12
CA TRP A 25 -12.40 -1.42 -0.93
C TRP A 25 -12.72 -2.84 -0.46
N LEU A 26 -11.71 -3.71 -0.52
CA LEU A 26 -11.87 -5.10 -0.14
C LEU A 26 -12.27 -5.25 1.33
N VAL A 27 -11.58 -4.54 2.21
CA VAL A 27 -11.85 -4.61 3.63
C VAL A 27 -13.24 -4.07 3.97
N ARG A 28 -13.78 -3.21 3.12
CA ARG A 28 -15.09 -2.63 3.34
C ARG A 28 -16.11 -3.16 2.33
N GLY A 29 -16.03 -2.67 1.11
CA GLY A 29 -16.94 -3.10 0.07
C GLY A 29 -16.77 -4.58 -0.28
N ARG A 30 -15.88 -4.86 -1.22
CA ARG A 30 -15.63 -6.23 -1.64
C ARG A 30 -16.92 -6.91 -2.12
N GLY A 31 -17.44 -6.44 -3.25
CA GLY A 31 -18.67 -7.01 -3.79
C GLY A 31 -19.50 -5.99 -4.52
N HIS A 1 30.68 -0.21 -4.80
CA HIS A 1 29.51 -0.64 -4.00
C HIS A 1 28.23 0.06 -4.47
N ALA A 2 27.09 -0.37 -3.95
CA ALA A 2 25.81 0.22 -4.31
C ALA A 2 25.60 1.54 -3.58
N GLU A 3 24.62 2.31 -4.05
CA GLU A 3 24.30 3.61 -3.44
C GLU A 3 23.19 3.47 -2.42
N GLY A 4 22.99 4.52 -1.62
CA GLY A 4 21.95 4.49 -0.61
C GLY A 4 20.56 4.65 -1.19
N THR A 5 19.83 3.55 -1.29
CA THR A 5 18.48 3.57 -1.82
C THR A 5 17.61 2.50 -1.17
N PHE A 6 16.73 2.94 -0.27
CA PHE A 6 15.84 2.02 0.43
C PHE A 6 14.63 2.74 0.99
N THR A 7 14.88 3.73 1.85
CA THR A 7 13.81 4.52 2.46
C THR A 7 12.83 5.04 1.42
N SER A 8 13.30 5.20 0.19
CA SER A 8 12.45 5.71 -0.90
C SER A 8 11.65 4.59 -1.54
N ASP A 9 12.22 3.39 -1.62
CA ASP A 9 11.53 2.25 -2.24
C ASP A 9 10.70 1.48 -1.22
N VAL A 10 11.21 1.34 0.00
CA VAL A 10 10.50 0.61 1.04
C VAL A 10 9.14 1.22 1.33
N SER A 11 8.96 2.48 0.94
CA SER A 11 7.69 3.16 1.15
C SER A 11 6.61 2.64 0.19
N SER A 12 7.06 2.01 -0.90
CA SER A 12 6.14 1.47 -1.91
C SER A 12 5.74 0.03 -1.61
N TYR A 13 6.72 -0.86 -1.58
CA TYR A 13 6.46 -2.29 -1.34
C TYR A 13 5.48 -2.50 -0.19
N LEU A 14 5.59 -1.67 0.84
CA LEU A 14 4.72 -1.77 2.01
C LEU A 14 3.24 -1.77 1.59
N GLU A 15 2.41 -2.39 2.40
CA GLU A 15 0.97 -2.46 2.12
C GLU A 15 0.71 -3.16 0.78
N GLY A 16 -0.52 -3.64 0.60
CA GLY A 16 -0.87 -4.32 -0.63
C GLY A 16 -2.34 -4.67 -0.69
N GLN A 17 -2.63 -5.96 -0.89
CA GLN A 17 -4.02 -6.42 -0.98
C GLN A 17 -4.78 -6.09 0.30
N ALA A 18 -4.08 -6.06 1.42
CA ALA A 18 -4.69 -5.77 2.72
C ALA A 18 -5.40 -4.42 2.69
N ALA A 19 -4.93 -3.52 1.83
CA ALA A 19 -5.52 -2.20 1.71
C ALA A 19 -6.82 -2.24 0.91
N LYS A 20 -6.73 -2.73 -0.33
CA LYS A 20 -7.89 -2.83 -1.22
C LYS A 20 -9.11 -3.36 -0.48
N GLU A 21 -8.88 -4.18 0.53
CA GLU A 21 -9.97 -4.76 1.32
C GLU A 21 -10.89 -3.68 1.88
N PHE A 22 -10.39 -2.46 1.99
CA PHE A 22 -11.17 -1.34 2.51
C PHE A 22 -12.23 -0.89 1.50
N ILE A 23 -11.82 -0.73 0.25
CA ILE A 23 -12.73 -0.28 -0.81
C ILE A 23 -14.01 -1.13 -0.83
N ALA A 24 -13.92 -2.35 -0.37
CA ALA A 24 -15.07 -3.25 -0.33
C ALA A 24 -15.98 -2.93 0.86
N TRP A 25 -15.42 -2.25 1.85
CA TRP A 25 -16.18 -1.88 3.04
C TRP A 25 -17.08 -0.68 2.78
N LEU A 26 -16.58 0.30 2.04
CA LEU A 26 -17.36 1.50 1.73
C LEU A 26 -18.18 1.32 0.46
N VAL A 27 -17.54 0.83 -0.59
CA VAL A 27 -18.22 0.62 -1.87
C VAL A 27 -19.40 -0.33 -1.72
N ARG A 28 -19.35 -1.18 -0.69
CA ARG A 28 -20.43 -2.13 -0.45
C ARG A 28 -21.17 -1.78 0.84
N GLY A 29 -21.47 -0.51 1.02
CA GLY A 29 -22.18 -0.07 2.21
C GLY A 29 -22.16 1.44 2.38
N ARG A 30 -20.96 2.02 2.42
CA ARG A 30 -20.82 3.45 2.57
C ARG A 30 -21.35 4.19 1.36
N GLY A 31 -22.46 4.90 1.54
CA GLY A 31 -23.06 5.64 0.44
C GLY A 31 -23.56 4.73 -0.67
N HIS A 1 32.18 1.37 -1.69
CA HIS A 1 30.76 1.63 -1.29
C HIS A 1 29.82 1.48 -2.47
N ALA A 2 28.71 0.78 -2.25
CA ALA A 2 27.72 0.57 -3.29
C ALA A 2 26.41 1.28 -2.97
N GLU A 3 25.45 1.21 -3.89
CA GLU A 3 24.16 1.84 -3.71
C GLU A 3 23.10 0.82 -3.31
N GLY A 4 22.22 1.20 -2.41
CA GLY A 4 21.16 0.31 -1.97
C GLY A 4 19.90 0.43 -2.79
N THR A 5 18.82 -0.21 -2.35
CA THR A 5 17.55 -0.16 -3.06
C THR A 5 16.78 1.10 -2.71
N PHE A 6 15.59 1.24 -3.28
CA PHE A 6 14.75 2.40 -3.04
C PHE A 6 13.35 2.21 -3.61
N THR A 7 13.29 1.65 -4.82
CA THR A 7 12.02 1.41 -5.49
C THR A 7 11.10 0.55 -4.63
N SER A 8 11.66 -0.49 -4.02
CA SER A 8 10.89 -1.38 -3.17
C SER A 8 10.89 -0.90 -1.72
N ASP A 9 11.97 -0.24 -1.33
CA ASP A 9 12.10 0.28 0.03
C ASP A 9 10.94 1.21 0.37
N VAL A 10 10.36 1.83 -0.66
CA VAL A 10 9.24 2.74 -0.46
C VAL A 10 7.91 2.00 -0.43
N SER A 11 7.90 0.78 -0.97
CA SER A 11 6.69 -0.04 -0.99
C SER A 11 6.59 -0.90 0.26
N SER A 12 7.72 -1.14 0.91
CA SER A 12 7.75 -1.98 2.11
C SER A 12 7.56 -1.15 3.38
N TYR A 13 7.95 0.12 3.35
CA TYR A 13 7.83 0.98 4.52
C TYR A 13 6.39 1.48 4.72
N LEU A 14 5.60 1.43 3.65
CA LEU A 14 4.20 1.88 3.72
C LEU A 14 3.30 0.81 4.33
N GLU A 15 3.87 -0.36 4.63
CA GLU A 15 3.10 -1.45 5.21
C GLU A 15 2.12 -2.03 4.21
N GLY A 16 1.10 -1.23 3.85
CA GLY A 16 0.10 -1.68 2.91
C GLY A 16 -0.99 -0.66 2.69
N GLN A 17 -0.66 0.42 1.98
CA GLN A 17 -1.63 1.47 1.71
C GLN A 17 -2.73 0.97 0.77
N ALA A 18 -2.38 0.02 -0.08
CA ALA A 18 -3.34 -0.55 -1.03
C ALA A 18 -4.54 -1.15 -0.31
N ALA A 19 -4.34 -1.53 0.95
CA ALA A 19 -5.42 -2.12 1.74
C ALA A 19 -6.62 -1.20 1.80
N LYS A 20 -6.39 0.04 2.23
CA LYS A 20 -7.46 1.05 2.35
C LYS A 20 -8.46 0.94 1.19
N GLU A 21 -7.96 0.54 0.01
CA GLU A 21 -8.82 0.40 -1.16
C GLU A 21 -10.14 -0.30 -0.82
N PHE A 22 -10.10 -1.16 0.18
CA PHE A 22 -11.30 -1.88 0.60
C PHE A 22 -12.40 -0.92 1.05
N ILE A 23 -11.99 0.15 1.71
CA ILE A 23 -12.93 1.15 2.21
C ILE A 23 -13.92 1.60 1.13
N ALA A 24 -13.49 1.50 -0.12
CA ALA A 24 -14.34 1.90 -1.24
C ALA A 24 -15.44 0.87 -1.48
N TRP A 25 -15.25 -0.34 -0.98
CA TRP A 25 -16.22 -1.42 -1.16
C TRP A 25 -17.36 -1.34 -0.14
N LEU A 26 -17.03 -1.44 1.14
CA LEU A 26 -18.05 -1.42 2.19
C LEU A 26 -18.85 -0.12 2.22
N VAL A 27 -18.30 0.93 1.61
CA VAL A 27 -18.99 2.22 1.60
C VAL A 27 -19.89 2.34 0.36
N ARG A 28 -19.59 1.57 -0.67
CA ARG A 28 -20.37 1.60 -1.91
C ARG A 28 -21.18 0.31 -2.07
N GLY A 29 -22.20 0.16 -1.22
CA GLY A 29 -23.03 -1.03 -1.28
C GLY A 29 -22.43 -2.20 -0.53
N ARG A 30 -22.84 -2.36 0.72
CA ARG A 30 -22.33 -3.45 1.56
C ARG A 30 -23.48 -4.19 2.24
N GLY A 31 -24.62 -4.29 1.54
CA GLY A 31 -25.77 -4.98 2.09
C GLY A 31 -26.97 -4.89 1.18
N HIS A 1 26.20 5.00 -0.90
CA HIS A 1 26.63 4.07 -1.97
C HIS A 1 25.53 3.87 -3.01
N ALA A 2 25.92 3.40 -4.19
CA ALA A 2 24.96 3.16 -5.27
C ALA A 2 24.24 1.83 -5.09
N GLU A 3 23.06 1.87 -4.50
CA GLU A 3 22.28 0.67 -4.27
C GLU A 3 20.95 0.73 -5.01
N GLY A 4 20.24 -0.40 -5.05
CA GLY A 4 18.97 -0.45 -5.74
C GLY A 4 17.79 -0.44 -4.78
N THR A 5 17.13 0.72 -4.66
CA THR A 5 15.99 0.86 -3.78
C THR A 5 14.84 1.58 -4.47
N PHE A 6 13.62 1.12 -4.20
CA PHE A 6 12.43 1.73 -4.82
C PHE A 6 11.16 1.21 -4.17
N THR A 7 11.12 -0.09 -3.91
CA THR A 7 9.96 -0.73 -3.28
C THR A 7 9.99 -0.56 -1.78
N SER A 8 11.17 -0.71 -1.19
CA SER A 8 11.34 -0.58 0.25
C SER A 8 10.93 0.82 0.72
N ASP A 9 11.45 1.84 0.04
CA ASP A 9 11.15 3.22 0.38
C ASP A 9 9.66 3.50 0.26
N VAL A 10 9.09 3.15 -0.89
CA VAL A 10 7.67 3.37 -1.14
C VAL A 10 6.81 2.44 -0.29
N SER A 11 7.40 1.35 0.20
CA SER A 11 6.68 0.39 1.03
C SER A 11 6.60 0.86 2.47
N SER A 12 7.47 1.78 2.85
CA SER A 12 7.51 2.32 4.21
C SER A 12 6.16 2.92 4.61
N TYR A 13 5.56 3.69 3.72
CA TYR A 13 4.27 4.33 4.01
C TYR A 13 3.19 3.30 4.30
N LEU A 14 3.15 2.25 3.49
CA LEU A 14 2.14 1.19 3.68
C LEU A 14 2.65 0.12 4.63
N GLU A 15 1.71 -0.54 5.31
CA GLU A 15 2.07 -1.59 6.26
C GLU A 15 1.16 -2.81 6.09
N GLY A 16 0.70 -3.03 4.86
CA GLY A 16 -0.16 -4.16 4.58
C GLY A 16 -1.11 -3.89 3.42
N GLN A 17 -0.62 -4.11 2.20
CA GLN A 17 -1.43 -3.88 1.01
C GLN A 17 -2.62 -4.84 0.97
N ALA A 18 -2.41 -6.05 1.50
CA ALA A 18 -3.47 -7.06 1.52
C ALA A 18 -4.69 -6.56 2.27
N ALA A 19 -4.46 -5.70 3.27
CA ALA A 19 -5.54 -5.15 4.07
C ALA A 19 -6.15 -3.92 3.39
N LYS A 20 -5.29 -3.01 2.97
CA LYS A 20 -5.72 -1.77 2.30
C LYS A 20 -6.82 -2.04 1.29
N GLU A 21 -6.86 -3.26 0.74
CA GLU A 21 -7.88 -3.64 -0.24
C GLU A 21 -9.27 -3.17 0.21
N PHE A 22 -9.46 -3.12 1.52
CA PHE A 22 -10.75 -2.68 2.08
C PHE A 22 -11.10 -1.28 1.58
N ILE A 23 -10.09 -0.44 1.45
CA ILE A 23 -10.26 0.93 1.00
C ILE A 23 -11.01 0.98 -0.35
N ALA A 24 -10.94 -0.11 -1.10
CA ALA A 24 -11.62 -0.19 -2.39
C ALA A 24 -13.09 -0.53 -2.22
N TRP A 25 -13.42 -1.17 -1.10
CA TRP A 25 -14.80 -1.57 -0.83
C TRP A 25 -15.61 -0.37 -0.33
N LEU A 26 -15.18 0.20 0.80
CA LEU A 26 -15.87 1.34 1.40
C LEU A 26 -16.06 2.48 0.40
N VAL A 27 -15.24 2.52 -0.64
CA VAL A 27 -15.33 3.57 -1.64
C VAL A 27 -16.27 3.18 -2.78
N ARG A 28 -16.22 1.92 -3.18
CA ARG A 28 -17.07 1.43 -4.27
C ARG A 28 -18.48 1.10 -3.75
N GLY A 29 -18.54 0.43 -2.62
CA GLY A 29 -19.83 0.07 -2.05
C GLY A 29 -19.75 -0.14 -0.55
N ARG A 30 -20.10 0.89 0.22
CA ARG A 30 -20.07 0.81 1.67
C ARG A 30 -21.46 0.53 2.23
N GLY A 31 -22.25 -0.24 1.49
CA GLY A 31 -23.59 -0.57 1.93
C GLY A 31 -24.62 0.43 1.43
N HIS A 1 27.56 -0.53 -3.03
CA HIS A 1 26.18 -0.49 -2.49
C HIS A 1 25.19 0.01 -3.54
N ALA A 2 24.37 -0.91 -4.05
CA ALA A 2 23.38 -0.57 -5.06
C ALA A 2 22.09 -0.06 -4.43
N GLU A 3 21.19 0.48 -5.25
CA GLU A 3 19.92 1.00 -4.77
C GLU A 3 18.81 0.77 -5.79
N GLY A 4 17.57 0.81 -5.32
CA GLY A 4 16.44 0.60 -6.19
C GLY A 4 15.19 1.28 -5.69
N THR A 5 14.05 0.98 -6.31
CA THR A 5 12.78 1.57 -5.92
C THR A 5 12.33 1.04 -4.56
N PHE A 6 12.72 1.74 -3.51
CA PHE A 6 12.37 1.33 -2.14
C PHE A 6 12.38 2.52 -1.19
N THR A 7 13.31 3.45 -1.40
CA THR A 7 13.43 4.64 -0.55
C THR A 7 12.06 5.26 -0.28
N SER A 8 11.24 5.38 -1.32
CA SER A 8 9.91 5.96 -1.18
C SER A 8 8.88 4.89 -0.85
N ASP A 9 9.05 3.70 -1.42
CA ASP A 9 8.13 2.60 -1.18
C ASP A 9 8.18 2.14 0.27
N VAL A 10 9.32 2.36 0.92
CA VAL A 10 9.50 1.96 2.31
C VAL A 10 8.41 2.53 3.21
N SER A 11 7.79 3.62 2.76
CA SER A 11 6.72 4.27 3.52
C SER A 11 5.36 3.70 3.16
N SER A 12 5.26 3.06 2.00
CA SER A 12 4.01 2.48 1.53
C SER A 12 3.79 1.08 2.07
N TYR A 13 4.87 0.30 2.20
CA TYR A 13 4.75 -1.07 2.70
C TYR A 13 4.04 -1.11 4.05
N LEU A 14 4.10 0.00 4.77
CA LEU A 14 3.46 0.09 6.09
C LEU A 14 1.99 -0.32 6.01
N GLU A 15 1.53 -1.04 7.04
CA GLU A 15 0.15 -1.50 7.09
C GLU A 15 -0.16 -2.48 5.96
N GLY A 16 0.89 -3.02 5.35
CA GLY A 16 0.71 -3.97 4.27
C GLY A 16 -0.27 -3.49 3.23
N GLN A 17 0.24 -2.87 2.16
CA GLN A 17 -0.61 -2.36 1.09
C GLN A 17 -1.42 -3.49 0.45
N ALA A 18 -0.84 -4.69 0.44
CA ALA A 18 -1.50 -5.85 -0.14
C ALA A 18 -2.83 -6.13 0.57
N ALA A 19 -2.88 -5.84 1.86
CA ALA A 19 -4.09 -6.05 2.65
C ALA A 19 -4.98 -4.82 2.63
N LYS A 20 -4.45 -3.70 3.11
CA LYS A 20 -5.19 -2.43 3.16
C LYS A 20 -5.95 -2.17 1.86
N GLU A 21 -5.46 -2.73 0.76
CA GLU A 21 -6.10 -2.55 -0.55
C GLU A 21 -7.62 -2.67 -0.46
N PHE A 22 -8.08 -3.63 0.35
CA PHE A 22 -9.50 -3.87 0.55
C PHE A 22 -10.23 -2.57 0.88
N ILE A 23 -9.61 -1.74 1.71
CA ILE A 23 -10.20 -0.46 2.13
C ILE A 23 -10.79 0.30 0.94
N ALA A 24 -10.25 0.07 -0.24
CA ALA A 24 -10.72 0.74 -1.45
C ALA A 24 -12.07 0.20 -1.91
N TRP A 25 -12.28 -1.10 -1.76
CA TRP A 25 -13.52 -1.73 -2.18
C TRP A 25 -14.73 -1.22 -1.40
N LEU A 26 -14.64 -1.22 -0.07
CA LEU A 26 -15.76 -0.75 0.77
C LEU A 26 -16.26 0.60 0.26
N VAL A 27 -15.41 1.61 0.41
CA VAL A 27 -15.73 2.97 0.00
C VAL A 27 -16.26 3.04 -1.43
N ARG A 28 -15.62 2.29 -2.33
CA ARG A 28 -16.05 2.28 -3.73
C ARG A 28 -17.38 1.55 -3.89
N GLY A 29 -17.64 0.60 -3.00
CA GLY A 29 -18.88 -0.14 -3.06
C GLY A 29 -19.36 -0.59 -1.69
N ARG A 30 -20.09 0.29 -1.01
CA ARG A 30 -20.61 -0.02 0.32
C ARG A 30 -21.56 1.07 0.79
N GLY A 31 -22.54 0.68 1.60
CA GLY A 31 -23.50 1.65 2.12
C GLY A 31 -23.96 1.31 3.53
N HIS A 1 28.82 -0.78 -2.17
CA HIS A 1 28.05 -0.11 -3.25
C HIS A 1 27.49 1.23 -2.79
N ALA A 2 27.54 2.23 -3.67
CA ALA A 2 27.03 3.56 -3.35
C ALA A 2 25.64 3.76 -3.93
N GLU A 3 24.62 3.43 -3.13
CA GLU A 3 23.24 3.58 -3.56
C GLU A 3 22.30 3.59 -2.36
N GLY A 4 20.99 3.63 -2.64
CA GLY A 4 20.01 3.64 -1.57
C GLY A 4 18.84 2.73 -1.86
N THR A 5 17.93 2.61 -0.88
CA THR A 5 16.76 1.76 -1.03
C THR A 5 15.71 2.44 -1.90
N PHE A 6 14.73 1.67 -2.35
CA PHE A 6 13.66 2.21 -3.18
C PHE A 6 12.54 1.18 -3.37
N THR A 7 12.93 -0.08 -3.60
CA THR A 7 11.97 -1.15 -3.79
C THR A 7 11.03 -1.28 -2.59
N SER A 8 11.57 -1.71 -1.46
CA SER A 8 10.78 -1.88 -0.25
C SER A 8 10.65 -0.55 0.50
N ASP A 9 11.60 0.35 0.27
CA ASP A 9 11.59 1.66 0.93
C ASP A 9 10.26 2.39 0.70
N VAL A 10 9.64 2.12 -0.44
CA VAL A 10 8.36 2.74 -0.77
C VAL A 10 7.20 2.04 -0.07
N SER A 11 6.96 0.80 -0.46
CA SER A 11 5.87 0.01 0.14
C SER A 11 5.92 0.07 1.66
N SER A 12 7.12 0.28 2.20
CA SER A 12 7.31 0.35 3.65
C SER A 12 6.55 1.53 4.25
N TYR A 13 6.38 2.60 3.46
CA TYR A 13 5.68 3.78 3.93
C TYR A 13 4.18 3.69 3.65
N LEU A 14 3.82 2.96 2.60
CA LEU A 14 2.42 2.79 2.23
C LEU A 14 1.72 1.79 3.16
N GLU A 15 1.85 0.51 2.85
CA GLU A 15 1.23 -0.54 3.66
C GLU A 15 1.32 -1.89 2.94
N GLY A 16 0.65 -1.98 1.80
CA GLY A 16 0.66 -3.22 1.03
C GLY A 16 -0.34 -3.20 -0.11
N GLN A 17 -0.65 -4.37 -0.64
CA GLN A 17 -1.60 -4.48 -1.74
C GLN A 17 -3.01 -4.67 -1.22
N ALA A 18 -3.16 -5.50 -0.20
CA ALA A 18 -4.47 -5.77 0.39
C ALA A 18 -5.06 -4.52 1.02
N ALA A 19 -4.19 -3.58 1.41
CA ALA A 19 -4.64 -2.34 2.02
C ALA A 19 -5.64 -1.61 1.13
N LYS A 20 -5.39 -1.61 -0.16
CA LYS A 20 -6.27 -0.95 -1.11
C LYS A 20 -7.34 -1.92 -1.63
N GLU A 21 -7.08 -3.22 -1.48
CA GLU A 21 -8.02 -4.24 -1.94
C GLU A 21 -9.28 -4.27 -1.08
N PHE A 22 -9.20 -3.76 0.14
CA PHE A 22 -10.35 -3.75 1.04
C PHE A 22 -11.19 -2.48 0.87
N ILE A 23 -10.51 -1.34 0.68
CA ILE A 23 -11.19 -0.06 0.53
C ILE A 23 -12.39 -0.15 -0.43
N ALA A 24 -12.31 -1.08 -1.37
CA ALA A 24 -13.38 -1.26 -2.35
C ALA A 24 -14.64 -1.82 -1.69
N TRP A 25 -14.46 -2.53 -0.58
CA TRP A 25 -15.59 -3.12 0.14
C TRP A 25 -16.43 -2.04 0.81
N LEU A 26 -15.80 -1.29 1.72
CA LEU A 26 -16.48 -0.24 2.47
C LEU A 26 -16.98 0.89 1.55
N VAL A 27 -16.20 1.20 0.52
CA VAL A 27 -16.56 2.25 -0.41
C VAL A 27 -17.77 1.84 -1.25
N ARG A 28 -17.94 0.54 -1.44
CA ARG A 28 -19.07 0.02 -2.22
C ARG A 28 -20.32 -0.06 -1.35
N GLY A 29 -20.73 1.08 -0.81
CA GLY A 29 -21.91 1.12 0.03
C GLY A 29 -21.56 1.30 1.50
N ARG A 30 -21.72 0.23 2.28
CA ARG A 30 -21.40 0.26 3.70
C ARG A 30 -22.04 1.48 4.37
N GLY A 31 -23.15 1.95 3.81
CA GLY A 31 -23.84 3.10 4.37
C GLY A 31 -23.80 4.30 3.44
N HIS A 1 26.13 8.96 -3.08
CA HIS A 1 25.29 8.00 -2.30
C HIS A 1 24.14 7.47 -3.14
N ALA A 2 23.74 6.22 -2.88
CA ALA A 2 22.65 5.60 -3.61
C ALA A 2 22.19 4.31 -2.92
N GLU A 3 21.00 4.37 -2.34
CA GLU A 3 20.45 3.21 -1.65
C GLU A 3 19.80 2.23 -2.64
N GLY A 4 20.37 1.03 -2.73
CA GLY A 4 19.85 0.03 -3.63
C GLY A 4 18.61 -0.66 -3.08
N THR A 5 17.45 -0.26 -3.58
CA THR A 5 16.19 -0.85 -3.15
C THR A 5 15.07 -0.55 -4.13
N PHE A 6 13.93 -1.22 -3.96
CA PHE A 6 12.79 -1.01 -4.84
C PHE A 6 11.52 -1.61 -4.22
N THR A 7 11.60 -2.86 -3.80
CA THR A 7 10.46 -3.54 -3.19
C THR A 7 10.28 -3.10 -1.74
N SER A 8 11.39 -2.80 -1.07
CA SER A 8 11.35 -2.37 0.32
C SER A 8 11.16 -0.86 0.42
N ASP A 9 11.67 -0.14 -0.57
CA ASP A 9 11.55 1.32 -0.59
C ASP A 9 10.14 1.74 -0.98
N VAL A 10 9.52 0.98 -1.87
CA VAL A 10 8.17 1.29 -2.31
C VAL A 10 7.14 0.98 -1.23
N SER A 11 7.27 -0.18 -0.61
CA SER A 11 6.36 -0.60 0.45
C SER A 11 6.36 0.41 1.61
N SER A 12 7.41 1.22 1.69
CA SER A 12 7.53 2.22 2.74
C SER A 12 6.41 3.26 2.67
N TYR A 13 5.90 3.52 1.48
CA TYR A 13 4.83 4.50 1.30
C TYR A 13 3.46 3.89 1.58
N LEU A 14 3.20 2.72 1.00
CA LEU A 14 1.92 2.05 1.19
C LEU A 14 1.81 1.48 2.60
N GLU A 15 0.58 1.35 3.09
CA GLU A 15 0.35 0.82 4.43
C GLU A 15 0.88 -0.61 4.56
N GLY A 16 0.12 -1.57 4.04
CA GLY A 16 0.54 -2.96 4.10
C GLY A 16 -0.50 -3.89 3.53
N GLN A 17 -0.62 -5.07 4.14
CA GLN A 17 -1.59 -6.07 3.68
C GLN A 17 -3.02 -5.54 3.78
N ALA A 18 -3.30 -4.84 4.87
CA ALA A 18 -4.63 -4.27 5.09
C ALA A 18 -5.03 -3.33 3.95
N ALA A 19 -4.03 -2.83 3.22
CA ALA A 19 -4.28 -1.93 2.10
C ALA A 19 -5.22 -2.54 1.07
N LYS A 20 -5.35 -3.87 1.08
CA LYS A 20 -6.21 -4.56 0.14
C LYS A 20 -7.66 -4.56 0.65
N GLU A 21 -7.86 -5.01 1.89
CA GLU A 21 -9.20 -5.01 2.47
C GLU A 21 -9.82 -3.62 2.33
N PHE A 22 -8.93 -2.62 2.33
CA PHE A 22 -9.31 -1.22 2.17
C PHE A 22 -10.14 -1.05 0.91
N ILE A 23 -9.48 -1.16 -0.23
CA ILE A 23 -10.11 -1.01 -1.52
C ILE A 23 -11.44 -1.78 -1.63
N ALA A 24 -11.65 -2.75 -0.75
CA ALA A 24 -12.89 -3.52 -0.74
C ALA A 24 -14.00 -2.77 0.00
N TRP A 25 -13.60 -1.82 0.85
CA TRP A 25 -14.53 -1.01 1.64
C TRP A 25 -15.23 0.03 0.77
N LEU A 26 -14.43 0.79 0.04
CA LEU A 26 -14.93 1.86 -0.80
C LEU A 26 -15.56 1.34 -2.09
N VAL A 27 -15.25 0.12 -2.48
CA VAL A 27 -15.82 -0.46 -3.69
C VAL A 27 -17.19 -1.08 -3.42
N ARG A 28 -17.45 -1.40 -2.16
CA ARG A 28 -18.73 -2.00 -1.77
C ARG A 28 -19.76 -0.92 -1.45
N GLY A 29 -19.38 0.01 -0.59
CA GLY A 29 -20.28 1.08 -0.21
C GLY A 29 -19.57 2.42 -0.07
N ARG A 30 -18.40 2.40 0.56
CA ARG A 30 -17.62 3.62 0.76
C ARG A 30 -18.33 4.58 1.70
N GLY A 31 -19.38 5.22 1.20
CA GLY A 31 -20.13 6.16 2.01
C GLY A 31 -20.70 7.31 1.20
N HIS A 1 15.39 3.90 -16.30
CA HIS A 1 15.54 4.52 -14.96
C HIS A 1 15.75 3.45 -13.89
N ALA A 2 16.48 3.81 -12.84
CA ALA A 2 16.75 2.88 -11.74
C ALA A 2 15.52 2.75 -10.83
N GLU A 3 15.39 1.58 -10.21
CA GLU A 3 14.26 1.32 -9.31
C GLU A 3 14.73 1.33 -7.85
N GLY A 4 14.25 2.30 -7.09
CA GLY A 4 14.62 2.39 -5.69
C GLY A 4 14.02 1.27 -4.86
N THR A 5 14.13 1.39 -3.54
CA THR A 5 13.59 0.38 -2.63
C THR A 5 12.07 0.41 -2.63
N PHE A 6 11.46 -0.40 -1.78
CA PHE A 6 10.00 -0.47 -1.70
C PHE A 6 9.55 -1.28 -0.48
N THR A 7 10.27 -2.37 -0.21
CA THR A 7 9.95 -3.25 0.92
C THR A 7 9.74 -2.44 2.20
N SER A 8 10.76 -1.69 2.60
CA SER A 8 10.68 -0.89 3.82
C SER A 8 10.16 0.52 3.52
N ASP A 9 10.61 1.09 2.40
CA ASP A 9 10.18 2.43 2.01
C ASP A 9 8.66 2.57 2.11
N VAL A 10 7.97 1.45 1.93
CA VAL A 10 6.51 1.43 1.99
C VAL A 10 6.03 1.37 3.44
N SER A 11 6.57 0.41 4.20
CA SER A 11 6.21 0.23 5.60
C SER A 11 6.28 1.55 6.37
N SER A 12 7.07 2.48 5.88
CA SER A 12 7.23 3.77 6.54
C SER A 12 5.98 4.64 6.42
N TYR A 13 5.27 4.52 5.30
CA TYR A 13 4.06 5.34 5.09
C TYR A 13 2.81 4.64 5.61
N LEU A 14 2.62 3.38 5.22
CA LEU A 14 1.45 2.62 5.66
C LEU A 14 1.33 2.61 7.17
N GLU A 15 0.32 1.90 7.68
CA GLU A 15 0.10 1.79 9.12
C GLU A 15 -0.23 0.35 9.50
N GLY A 16 -1.42 -0.09 9.14
CA GLY A 16 -1.83 -1.46 9.44
C GLY A 16 -2.26 -2.21 8.20
N GLN A 17 -1.37 -2.28 7.22
CA GLN A 17 -1.64 -2.97 5.96
C GLN A 17 -2.39 -4.28 6.17
N ALA A 18 -2.13 -4.93 7.30
CA ALA A 18 -2.79 -6.20 7.61
C ALA A 18 -4.29 -6.13 7.34
N ALA A 19 -4.98 -5.22 8.02
CA ALA A 19 -6.41 -5.04 7.84
C ALA A 19 -6.69 -4.09 6.69
N LYS A 20 -5.98 -2.96 6.66
CA LYS A 20 -6.15 -1.97 5.61
C LYS A 20 -6.09 -2.62 4.23
N GLU A 21 -5.44 -3.76 4.13
CA GLU A 21 -5.31 -4.49 2.87
C GLU A 21 -6.64 -4.51 2.10
N PHE A 22 -7.73 -4.50 2.85
CA PHE A 22 -9.06 -4.52 2.26
C PHE A 22 -9.32 -3.23 1.45
N ILE A 23 -8.89 -2.10 2.01
CA ILE A 23 -9.09 -0.81 1.35
C ILE A 23 -8.66 -0.86 -0.11
N ALA A 24 -7.67 -1.71 -0.41
CA ALA A 24 -7.17 -1.86 -1.76
C ALA A 24 -8.28 -2.26 -2.73
N TRP A 25 -9.32 -2.89 -2.20
CA TRP A 25 -10.45 -3.33 -3.02
C TRP A 25 -11.31 -2.14 -3.46
N LEU A 26 -11.88 -1.43 -2.49
CA LEU A 26 -12.72 -0.28 -2.78
C LEU A 26 -11.97 0.78 -3.58
N VAL A 27 -10.67 0.91 -3.32
CA VAL A 27 -9.84 1.89 -4.02
C VAL A 27 -9.85 1.64 -5.52
N ARG A 28 -10.10 0.39 -5.91
CA ARG A 28 -10.13 0.01 -7.32
C ARG A 28 -11.57 -0.06 -7.82
N GLY A 29 -12.43 0.79 -7.26
CA GLY A 29 -13.82 0.82 -7.66
C GLY A 29 -14.76 0.53 -6.51
N ARG A 30 -15.33 1.57 -5.93
CA ARG A 30 -16.25 1.43 -4.82
C ARG A 30 -17.53 2.24 -5.05
N GLY A 31 -17.40 3.56 -4.98
CA GLY A 31 -18.55 4.43 -5.18
C GLY A 31 -18.51 5.13 -6.53
N HIS A 1 32.36 -1.32 -3.59
CA HIS A 1 30.93 -1.69 -3.69
C HIS A 1 30.11 -0.56 -4.31
N ALA A 2 28.84 -0.86 -4.60
CA ALA A 2 27.95 0.13 -5.19
C ALA A 2 26.89 0.57 -4.20
N GLU A 3 26.21 1.67 -4.50
CA GLU A 3 25.17 2.21 -3.63
C GLU A 3 23.81 2.15 -4.32
N GLY A 4 22.78 1.79 -3.55
CA GLY A 4 21.45 1.70 -4.11
C GLY A 4 20.37 1.84 -3.05
N THR A 5 19.62 2.94 -3.11
CA THR A 5 18.55 3.19 -2.15
C THR A 5 17.19 2.93 -2.76
N PHE A 6 16.71 1.69 -2.64
CA PHE A 6 15.42 1.31 -3.18
C PHE A 6 14.64 0.44 -2.19
N THR A 7 15.34 -0.54 -1.60
CA THR A 7 14.70 -1.44 -0.63
C THR A 7 13.93 -0.66 0.42
N SER A 8 14.39 0.56 0.70
CA SER A 8 13.73 1.41 1.69
C SER A 8 12.55 2.15 1.08
N ASP A 9 12.74 2.67 -0.12
CA ASP A 9 11.69 3.41 -0.82
C ASP A 9 10.51 2.50 -1.12
N VAL A 10 10.79 1.22 -1.36
CA VAL A 10 9.75 0.26 -1.66
C VAL A 10 8.77 0.12 -0.50
N SER A 11 9.27 -0.33 0.65
CA SER A 11 8.43 -0.49 1.84
C SER A 11 7.61 0.75 2.10
N SER A 12 8.13 1.91 1.66
CA SER A 12 7.44 3.18 1.86
C SER A 12 6.05 3.16 1.23
N TYR A 13 5.93 2.51 0.07
CA TYR A 13 4.64 2.43 -0.62
C TYR A 13 3.75 1.36 0.00
N LEU A 14 4.37 0.40 0.67
CA LEU A 14 3.62 -0.68 1.32
C LEU A 14 3.17 -0.27 2.72
N GLU A 15 2.42 0.84 2.79
CA GLU A 15 1.92 1.34 4.07
C GLU A 15 0.49 0.86 4.32
N GLY A 16 0.25 -0.43 4.07
CA GLY A 16 -1.07 -0.98 4.29
C GLY A 16 -2.11 -0.38 3.36
N GLN A 17 -1.66 0.14 2.22
CA GLN A 17 -2.56 0.75 1.25
C GLN A 17 -3.55 -0.27 0.71
N ALA A 18 -3.04 -1.44 0.32
CA ALA A 18 -3.89 -2.50 -0.21
C ALA A 18 -4.91 -2.97 0.83
N ALA A 19 -4.64 -2.69 2.10
CA ALA A 19 -5.53 -3.08 3.18
C ALA A 19 -6.68 -2.10 3.35
N LYS A 20 -6.52 -0.89 2.83
CA LYS A 20 -7.56 0.13 2.94
C LYS A 20 -8.53 0.07 1.76
N GLU A 21 -8.11 -0.55 0.66
CA GLU A 21 -8.94 -0.67 -0.53
C GLU A 21 -10.35 -1.16 -0.17
N PHE A 22 -10.41 -2.16 0.70
CA PHE A 22 -11.67 -2.75 1.13
C PHE A 22 -12.70 -1.66 1.48
N ILE A 23 -12.24 -0.63 2.18
CA ILE A 23 -13.10 0.47 2.60
C ILE A 23 -13.95 1.01 1.44
N ALA A 24 -13.44 0.84 0.21
CA ALA A 24 -14.15 1.31 -0.97
C ALA A 24 -15.26 0.33 -1.39
N TRP A 25 -15.15 -0.91 -0.94
CA TRP A 25 -16.15 -1.93 -1.28
C TRP A 25 -17.40 -1.79 -0.40
N LEU A 26 -17.20 -1.75 0.92
CA LEU A 26 -18.31 -1.63 1.85
C LEU A 26 -19.15 -0.39 1.55
N VAL A 27 -18.53 0.78 1.65
CA VAL A 27 -19.23 2.03 1.40
C VAL A 27 -19.87 2.04 0.02
N ARG A 28 -19.31 1.25 -0.90
CA ARG A 28 -19.84 1.16 -2.25
C ARG A 28 -21.23 0.53 -2.26
N GLY A 29 -21.31 -0.71 -1.75
CA GLY A 29 -22.58 -1.40 -1.70
C GLY A 29 -23.02 -1.72 -0.29
N ARG A 30 -23.07 -3.00 0.04
CA ARG A 30 -23.48 -3.43 1.37
C ARG A 30 -24.90 -2.98 1.67
N GLY A 31 -25.80 -3.95 1.79
CA GLY A 31 -27.19 -3.63 2.09
C GLY A 31 -28.14 -4.19 1.04
N HIS A 1 22.57 -2.07 -4.68
CA HIS A 1 21.81 -0.92 -5.24
C HIS A 1 20.53 -1.40 -5.95
N ALA A 2 19.43 -0.72 -5.68
CA ALA A 2 18.14 -1.07 -6.29
C ALA A 2 17.45 0.16 -6.86
N GLU A 3 16.20 0.00 -7.26
CA GLU A 3 15.42 1.09 -7.83
C GLU A 3 15.08 2.14 -6.77
N GLY A 4 14.35 3.16 -7.16
CA GLY A 4 13.97 4.21 -6.22
C GLY A 4 12.49 4.51 -6.25
N THR A 5 11.78 4.07 -5.22
CA THR A 5 10.34 4.30 -5.12
C THR A 5 9.93 4.58 -3.69
N PHE A 6 8.78 5.24 -3.52
CA PHE A 6 8.29 5.57 -2.19
C PHE A 6 6.81 5.21 -2.04
N THR A 7 6.03 5.50 -3.07
CA THR A 7 4.59 5.21 -3.06
C THR A 7 4.30 3.83 -2.47
N SER A 8 4.94 2.81 -3.03
CA SER A 8 4.76 1.44 -2.55
C SER A 8 5.77 1.10 -1.46
N ASP A 9 6.88 1.83 -1.45
CA ASP A 9 7.93 1.60 -0.45
C ASP A 9 7.47 2.00 0.95
N VAL A 10 6.66 3.06 1.02
CA VAL A 10 6.15 3.53 2.31
C VAL A 10 5.43 2.41 3.05
N SER A 11 4.38 1.87 2.43
CA SER A 11 3.60 0.80 3.04
C SER A 11 4.50 -0.36 3.48
N SER A 12 5.67 -0.47 2.85
CA SER A 12 6.62 -1.52 3.18
C SER A 12 7.19 -1.34 4.58
N TYR A 13 7.44 -0.10 4.97
CA TYR A 13 8.00 0.18 6.29
C TYR A 13 6.90 0.16 7.36
N LEU A 14 5.65 0.31 6.94
CA LEU A 14 4.53 0.31 7.87
C LEU A 14 4.34 -1.08 8.50
N GLU A 15 5.00 -2.08 7.93
CA GLU A 15 4.90 -3.45 8.43
C GLU A 15 3.45 -3.83 8.76
N GLY A 16 2.71 -4.24 7.73
CA GLY A 16 1.33 -4.62 7.91
C GLY A 16 0.42 -4.05 6.84
N GLN A 17 0.88 -4.10 5.60
CA GLN A 17 0.10 -3.58 4.47
C GLN A 17 -0.85 -4.66 3.93
N ALA A 18 -0.45 -5.92 4.07
CA ALA A 18 -1.26 -7.03 3.59
C ALA A 18 -2.71 -6.90 4.03
N ALA A 19 -2.92 -6.24 5.17
CA ALA A 19 -4.26 -6.04 5.71
C ALA A 19 -4.89 -4.78 5.12
N LYS A 20 -4.42 -3.62 5.56
CA LYS A 20 -4.94 -2.34 5.08
C LYS A 20 -5.07 -2.32 3.56
N GLU A 21 -4.25 -3.13 2.89
CA GLU A 21 -4.28 -3.21 1.42
C GLU A 21 -5.71 -3.36 0.90
N PHE A 22 -6.59 -3.94 1.71
CA PHE A 22 -7.98 -4.12 1.33
C PHE A 22 -8.66 -2.78 1.08
N ILE A 23 -8.30 -1.79 1.90
CA ILE A 23 -8.87 -0.45 1.78
C ILE A 23 -8.71 0.13 0.37
N ALA A 24 -7.77 -0.42 -0.39
CA ALA A 24 -7.54 0.05 -1.74
C ALA A 24 -8.71 -0.26 -2.67
N TRP A 25 -9.55 -1.22 -2.27
CA TRP A 25 -10.69 -1.62 -3.07
C TRP A 25 -11.93 -0.75 -2.78
N LEU A 26 -12.44 -0.82 -1.55
CA LEU A 26 -13.63 -0.05 -1.19
C LEU A 26 -13.42 1.46 -1.39
N VAL A 27 -12.16 1.89 -1.46
CA VAL A 27 -11.86 3.30 -1.66
C VAL A 27 -11.95 3.67 -3.15
N ARG A 28 -11.65 2.69 -4.00
CA ARG A 28 -11.70 2.91 -5.45
C ARG A 28 -13.14 2.87 -5.96
N GLY A 29 -13.96 2.07 -5.29
CA GLY A 29 -15.36 1.94 -5.69
C GLY A 29 -16.15 1.05 -4.76
N ARG A 30 -16.99 1.66 -3.94
CA ARG A 30 -17.81 0.91 -2.99
C ARG A 30 -19.23 1.47 -2.93
N GLY A 31 -19.34 2.73 -2.50
CA GLY A 31 -20.64 3.36 -2.40
C GLY A 31 -21.18 3.36 -0.99
N HIS A 1 30.69 -1.32 -3.53
CA HIS A 1 29.24 -1.47 -3.25
C HIS A 1 28.47 -0.21 -3.65
N ALA A 2 27.14 -0.29 -3.60
CA ALA A 2 26.29 0.84 -3.95
C ALA A 2 25.63 1.43 -2.71
N GLU A 3 24.76 2.42 -2.92
CA GLU A 3 24.06 3.07 -1.82
C GLU A 3 23.03 2.12 -1.21
N GLY A 4 22.39 2.57 -0.13
CA GLY A 4 21.40 1.76 0.55
C GLY A 4 20.25 2.58 1.09
N THR A 5 19.09 2.47 0.44
CA THR A 5 17.90 3.21 0.87
C THR A 5 16.64 2.42 0.59
N PHE A 6 16.23 1.61 1.56
CA PHE A 6 15.03 0.79 1.41
C PHE A 6 13.93 1.25 2.36
N THR A 7 14.31 1.87 3.47
CA THR A 7 13.36 2.38 4.46
C THR A 7 12.20 3.10 3.78
N SER A 8 12.53 4.00 2.85
CA SER A 8 11.53 4.76 2.13
C SER A 8 11.09 4.03 0.87
N ASP A 9 11.99 3.21 0.32
CA ASP A 9 11.71 2.44 -0.88
C ASP A 9 10.72 1.31 -0.61
N VAL A 10 10.59 0.94 0.65
CA VAL A 10 9.67 -0.14 1.03
C VAL A 10 8.28 0.08 0.43
N SER A 11 7.69 1.23 0.72
CA SER A 11 6.35 1.55 0.20
C SER A 11 6.30 1.43 -1.33
N SER A 12 7.46 1.51 -1.96
CA SER A 12 7.54 1.41 -3.41
C SER A 12 7.05 0.06 -3.92
N TYR A 13 7.44 -1.02 -3.24
CA TYR A 13 7.04 -2.36 -3.65
C TYR A 13 5.52 -2.53 -3.53
N LEU A 14 4.96 -2.10 -2.40
CA LEU A 14 3.53 -2.22 -2.18
C LEU A 14 2.77 -1.13 -2.94
N GLU A 15 2.20 -1.50 -4.07
CA GLU A 15 1.43 -0.55 -4.90
C GLU A 15 0.29 0.06 -4.10
N GLY A 16 -0.23 -0.70 -3.13
CA GLY A 16 -1.32 -0.21 -2.32
C GLY A 16 -2.54 -1.12 -2.37
N GLN A 17 -2.29 -2.43 -2.34
CA GLN A 17 -3.37 -3.41 -2.39
C GLN A 17 -4.13 -3.46 -1.07
N ALA A 18 -3.40 -3.76 0.01
CA ALA A 18 -3.99 -3.84 1.34
C ALA A 18 -4.74 -2.55 1.69
N ALA A 19 -4.23 -1.43 1.18
CA ALA A 19 -4.85 -0.13 1.44
C ALA A 19 -6.19 -0.01 0.70
N LYS A 20 -6.10 0.23 -0.61
CA LYS A 20 -7.30 0.36 -1.44
C LYS A 20 -8.32 -0.72 -1.13
N GLU A 21 -7.84 -1.88 -0.69
CA GLU A 21 -8.71 -3.00 -0.36
C GLU A 21 -9.88 -2.55 0.52
N PHE A 22 -9.67 -1.49 1.29
CA PHE A 22 -10.72 -0.97 2.18
C PHE A 22 -11.91 -0.44 1.37
N ILE A 23 -11.62 0.35 0.34
CA ILE A 23 -12.66 0.94 -0.49
C ILE A 23 -13.70 -0.11 -0.91
N ALA A 24 -13.26 -1.37 -1.03
CA ALA A 24 -14.16 -2.44 -1.42
C ALA A 24 -15.11 -2.83 -0.29
N TRP A 25 -14.76 -2.47 0.94
CA TRP A 25 -15.57 -2.79 2.10
C TRP A 25 -16.68 -1.76 2.30
N LEU A 26 -16.30 -0.50 2.46
CA LEU A 26 -17.25 0.58 2.72
C LEU A 26 -18.05 0.94 1.46
N VAL A 27 -17.55 0.58 0.28
CA VAL A 27 -18.27 0.90 -0.95
C VAL A 27 -19.47 -0.02 -1.13
N ARG A 28 -19.38 -1.23 -0.60
CA ARG A 28 -20.45 -2.20 -0.71
C ARG A 28 -21.47 -2.03 0.43
N GLY A 29 -21.99 -0.81 0.54
CA GLY A 29 -22.97 -0.54 1.58
C GLY A 29 -22.33 -0.47 2.96
N ARG A 30 -21.75 0.69 3.28
CA ARG A 30 -21.12 0.88 4.58
C ARG A 30 -22.12 1.32 5.63
N GLY A 31 -22.26 0.53 6.69
CA GLY A 31 -23.19 0.86 7.75
C GLY A 31 -24.56 0.25 7.52
N HIS A 1 27.08 -0.99 -7.42
CA HIS A 1 25.89 -1.89 -7.32
C HIS A 1 24.67 -1.15 -6.80
N ALA A 2 23.50 -1.78 -6.89
CA ALA A 2 22.26 -1.18 -6.42
C ALA A 2 22.17 -1.21 -4.90
N GLU A 3 22.49 -0.08 -4.27
CA GLU A 3 22.44 0.02 -2.82
C GLU A 3 21.00 0.16 -2.33
N GLY A 4 20.83 0.28 -1.02
CA GLY A 4 19.51 0.43 -0.45
C GLY A 4 18.95 1.82 -0.62
N THR A 5 17.99 1.97 -1.53
CA THR A 5 17.37 3.26 -1.79
C THR A 5 16.29 3.56 -0.76
N PHE A 6 15.88 4.83 -0.68
CA PHE A 6 14.85 5.24 0.27
C PHE A 6 13.60 5.74 -0.43
N THR A 7 13.76 6.19 -1.67
CA THR A 7 12.63 6.69 -2.46
C THR A 7 11.49 5.68 -2.52
N SER A 8 11.62 4.68 -3.39
CA SER A 8 10.59 3.66 -3.54
C SER A 8 10.86 2.47 -2.61
N ASP A 9 12.15 2.19 -2.37
CA ASP A 9 12.54 1.09 -1.52
C ASP A 9 11.87 1.17 -0.15
N VAL A 10 11.53 2.39 0.28
CA VAL A 10 10.90 2.59 1.57
C VAL A 10 9.43 2.15 1.55
N SER A 11 8.71 2.56 0.51
CA SER A 11 7.30 2.21 0.39
C SER A 11 7.11 0.69 0.32
N SER A 12 8.17 -0.02 -0.03
CA SER A 12 8.12 -1.47 -0.14
C SER A 12 7.85 -2.13 1.21
N TYR A 13 8.61 -1.76 2.22
CA TYR A 13 8.46 -2.33 3.56
C TYR A 13 7.05 -2.12 4.10
N LEU A 14 6.35 -1.12 3.58
CA LEU A 14 4.99 -0.82 4.02
C LEU A 14 3.99 -1.76 3.38
N GLU A 15 3.17 -2.42 4.21
CA GLU A 15 2.17 -3.35 3.71
C GLU A 15 1.12 -3.62 4.78
N GLY A 16 0.50 -2.55 5.27
CA GLY A 16 -0.53 -2.69 6.30
C GLY A 16 -1.76 -1.88 5.98
N GLN A 17 -1.58 -0.60 5.68
CA GLN A 17 -2.69 0.29 5.37
C GLN A 17 -3.18 0.05 3.94
N ALA A 18 -2.28 -0.41 3.07
CA ALA A 18 -2.62 -0.68 1.68
C ALA A 18 -3.79 -1.66 1.58
N ALA A 19 -3.95 -2.50 2.58
CA ALA A 19 -5.03 -3.48 2.61
C ALA A 19 -6.38 -2.79 2.73
N LYS A 20 -6.51 -1.90 3.71
CA LYS A 20 -7.75 -1.18 3.95
C LYS A 20 -8.36 -0.66 2.65
N GLU A 21 -7.51 -0.41 1.65
CA GLU A 21 -7.96 0.10 0.36
C GLU A 21 -9.20 -0.63 -0.14
N PHE A 22 -9.34 -1.90 0.25
CA PHE A 22 -10.49 -2.70 -0.17
C PHE A 22 -11.79 -2.12 0.38
N ILE A 23 -11.77 -1.70 1.64
CA ILE A 23 -12.94 -1.14 2.29
C ILE A 23 -13.61 -0.08 1.42
N ALA A 24 -12.80 0.60 0.61
CA ALA A 24 -13.31 1.64 -0.28
C ALA A 24 -14.17 1.05 -1.39
N TRP A 25 -13.89 -0.21 -1.74
CA TRP A 25 -14.65 -0.88 -2.79
C TRP A 25 -16.08 -1.19 -2.34
N LEU A 26 -16.20 -1.97 -1.27
CA LEU A 26 -17.51 -2.34 -0.75
C LEU A 26 -18.32 -1.10 -0.35
N VAL A 27 -17.66 -0.13 0.26
CA VAL A 27 -18.32 1.09 0.68
C VAL A 27 -18.89 1.84 -0.53
N ARG A 28 -18.26 1.66 -1.69
CA ARG A 28 -18.70 2.31 -2.91
C ARG A 28 -20.13 1.91 -3.26
N GLY A 29 -20.40 0.61 -3.23
CA GLY A 29 -21.73 0.13 -3.55
C GLY A 29 -22.21 -0.94 -2.59
N ARG A 30 -21.33 -1.87 -2.25
CA ARG A 30 -21.67 -2.95 -1.33
C ARG A 30 -22.16 -2.40 0.00
N GLY A 31 -23.47 -2.51 0.24
CA GLY A 31 -24.04 -2.02 1.48
C GLY A 31 -24.81 -0.73 1.29
N HIS A 1 32.93 -1.04 -1.53
CA HIS A 1 32.00 -0.33 -2.45
C HIS A 1 30.76 0.16 -1.71
N ALA A 2 29.83 0.76 -2.44
CA ALA A 2 28.61 1.28 -1.86
C ALA A 2 27.45 1.22 -2.85
N GLU A 3 26.34 0.63 -2.42
CA GLU A 3 25.17 0.51 -3.27
C GLU A 3 23.89 0.62 -2.46
N GLY A 4 22.84 1.15 -3.07
CA GLY A 4 21.56 1.29 -2.38
C GLY A 4 20.37 1.06 -3.30
N THR A 5 19.25 0.65 -2.71
CA THR A 5 18.04 0.39 -3.48
C THR A 5 17.04 1.53 -3.33
N PHE A 6 15.86 1.35 -3.90
CA PHE A 6 14.81 2.36 -3.83
C PHE A 6 13.43 1.73 -3.84
N THR A 7 13.13 1.00 -4.90
CA THR A 7 11.84 0.33 -5.04
C THR A 7 11.59 -0.62 -3.87
N SER A 8 12.66 -1.17 -3.31
CA SER A 8 12.56 -2.09 -2.19
C SER A 8 12.58 -1.34 -0.86
N ASP A 9 13.28 -0.21 -0.83
CA ASP A 9 13.38 0.60 0.38
C ASP A 9 12.12 1.44 0.57
N VAL A 10 11.55 1.93 -0.53
CA VAL A 10 10.35 2.75 -0.47
C VAL A 10 9.14 1.92 -0.07
N SER A 11 9.12 0.66 -0.50
CA SER A 11 8.01 -0.23 -0.19
C SER A 11 7.80 -0.34 1.33
N SER A 12 8.84 0.01 2.09
CA SER A 12 8.77 -0.06 3.54
C SER A 12 7.98 1.12 4.13
N TYR A 13 8.25 2.33 3.62
CA TYR A 13 7.57 3.52 4.11
C TYR A 13 6.06 3.40 3.94
N LEU A 14 5.64 2.63 2.96
CA LEU A 14 4.21 2.42 2.68
C LEU A 14 3.60 1.48 3.72
N GLU A 15 2.27 1.49 3.79
CA GLU A 15 1.56 0.63 4.74
C GLU A 15 0.30 0.06 4.11
N GLY A 16 0.37 -0.27 2.82
CA GLY A 16 -0.78 -0.81 2.13
C GLY A 16 -1.96 0.14 2.11
N GLN A 17 -1.97 1.03 1.12
CA GLN A 17 -3.05 2.01 0.99
C GLN A 17 -4.18 1.46 0.12
N ALA A 18 -3.80 0.75 -0.94
CA ALA A 18 -4.78 0.16 -1.85
C ALA A 18 -5.68 -0.83 -1.14
N ALA A 19 -5.23 -1.32 0.01
CA ALA A 19 -6.01 -2.27 0.79
C ALA A 19 -7.17 -1.60 1.52
N LYS A 20 -7.07 -0.29 1.70
CA LYS A 20 -8.12 0.47 2.38
C LYS A 20 -9.17 0.98 1.41
N GLU A 21 -8.84 1.03 0.13
CA GLU A 21 -9.77 1.53 -0.89
C GLU A 21 -10.91 0.55 -1.14
N PHE A 22 -10.62 -0.75 -1.05
CA PHE A 22 -11.63 -1.77 -1.30
C PHE A 22 -12.76 -1.70 -0.27
N ILE A 23 -12.42 -1.40 0.98
CA ILE A 23 -13.41 -1.30 2.05
C ILE A 23 -14.51 -0.29 1.70
N ALA A 24 -14.21 0.60 0.76
CA ALA A 24 -15.19 1.59 0.34
C ALA A 24 -16.28 0.95 -0.52
N TRP A 25 -15.98 -0.22 -1.07
CA TRP A 25 -16.92 -0.93 -1.93
C TRP A 25 -17.96 -1.71 -1.11
N LEU A 26 -17.51 -2.66 -0.29
CA LEU A 26 -18.43 -3.46 0.51
C LEU A 26 -19.22 -2.59 1.50
N VAL A 27 -18.72 -1.39 1.78
CA VAL A 27 -19.39 -0.49 2.70
C VAL A 27 -20.43 0.35 1.96
N ARG A 28 -20.28 0.47 0.64
CA ARG A 28 -21.20 1.25 -0.17
C ARG A 28 -22.10 0.32 -1.01
N GLY A 29 -23.17 -0.16 -0.40
CA GLY A 29 -24.09 -1.04 -1.11
C GLY A 29 -24.21 -2.40 -0.45
N ARG A 30 -23.12 -3.15 -0.44
CA ARG A 30 -23.11 -4.48 0.17
C ARG A 30 -23.53 -4.42 1.63
N GLY A 31 -22.73 -3.75 2.46
CA GLY A 31 -23.03 -3.63 3.87
C GLY A 31 -22.08 -2.70 4.59
N HIS A 1 26.77 1.96 0.51
CA HIS A 1 25.30 1.74 0.43
C HIS A 1 24.96 0.69 -0.63
N ALA A 2 23.95 -0.13 -0.34
CA ALA A 2 23.52 -1.17 -1.25
C ALA A 2 22.40 -0.69 -2.15
N GLU A 3 22.08 -1.48 -3.18
CA GLU A 3 21.01 -1.12 -4.11
C GLU A 3 19.75 -1.94 -3.83
N GLY A 4 18.62 -1.25 -3.75
CA GLY A 4 17.36 -1.92 -3.47
C GLY A 4 16.16 -1.06 -3.84
N THR A 5 14.97 -1.61 -3.63
CA THR A 5 13.73 -0.88 -3.93
C THR A 5 13.53 0.28 -2.96
N PHE A 6 12.78 1.28 -3.39
CA PHE A 6 12.50 2.44 -2.55
C PHE A 6 11.01 2.79 -2.59
N THR A 7 10.44 2.82 -3.79
CA THR A 7 9.02 3.13 -3.94
C THR A 7 8.15 2.17 -3.16
N SER A 8 8.49 0.89 -3.23
CA SER A 8 7.72 -0.14 -2.52
C SER A 8 8.26 -0.34 -1.11
N ASP A 9 9.56 -0.12 -0.94
CA ASP A 9 10.20 -0.27 0.36
C ASP A 9 9.76 0.83 1.33
N VAL A 10 9.43 1.99 0.78
CA VAL A 10 9.00 3.12 1.60
C VAL A 10 7.53 3.00 1.97
N SER A 11 6.70 2.63 1.00
CA SER A 11 5.26 2.47 1.23
C SER A 11 4.99 1.45 2.34
N SER A 12 5.97 0.60 2.61
CA SER A 12 5.83 -0.43 3.65
C SER A 12 5.44 0.20 4.99
N TYR A 13 6.01 1.35 5.30
CA TYR A 13 5.72 2.04 6.55
C TYR A 13 4.42 2.82 6.46
N LEU A 14 4.12 3.32 5.26
CA LEU A 14 2.90 4.09 5.03
C LEU A 14 1.66 3.20 5.15
N GLU A 15 1.43 2.38 4.15
CA GLU A 15 0.28 1.48 4.13
C GLU A 15 0.35 0.50 2.97
N GLY A 16 0.59 1.04 1.77
CA GLY A 16 0.67 0.21 0.59
C GLY A 16 -0.58 0.27 -0.27
N GLN A 17 -0.74 1.37 -0.99
CA GLN A 17 -1.90 1.57 -1.84
C GLN A 17 -2.09 0.40 -2.81
N ALA A 18 -1.01 -0.31 -3.10
CA ALA A 18 -1.06 -1.45 -4.00
C ALA A 18 -2.08 -2.48 -3.55
N ALA A 19 -1.91 -2.97 -2.33
CA ALA A 19 -2.83 -3.96 -1.77
C ALA A 19 -4.03 -3.31 -1.12
N LYS A 20 -3.77 -2.31 -0.27
CA LYS A 20 -4.83 -1.60 0.42
C LYS A 20 -5.92 -1.15 -0.54
N GLU A 21 -5.57 -1.03 -1.83
CA GLU A 21 -6.53 -0.62 -2.86
C GLU A 21 -7.88 -1.33 -2.67
N PHE A 22 -7.82 -2.56 -2.17
CA PHE A 22 -9.01 -3.35 -1.96
C PHE A 22 -9.90 -2.72 -0.89
N ILE A 23 -9.27 -2.23 0.17
CA ILE A 23 -9.99 -1.59 1.27
C ILE A 23 -10.91 -0.48 0.76
N ALA A 24 -10.51 0.15 -0.33
CA ALA A 24 -11.29 1.23 -0.92
C ALA A 24 -12.62 0.71 -1.48
N TRP A 25 -12.64 -0.56 -1.87
CA TRP A 25 -13.85 -1.16 -2.42
C TRP A 25 -14.87 -1.44 -1.32
N LEU A 26 -14.52 -2.32 -0.38
CA LEU A 26 -15.40 -2.67 0.71
C LEU A 26 -15.78 -1.44 1.53
N VAL A 27 -14.82 -0.57 1.79
CA VAL A 27 -15.07 0.64 2.57
C VAL A 27 -16.04 1.57 1.84
N ARG A 28 -16.05 1.50 0.52
CA ARG A 28 -16.92 2.34 -0.29
C ARG A 28 -18.39 2.09 0.06
N GLY A 29 -18.73 0.83 0.30
CA GLY A 29 -20.10 0.48 0.66
C GLY A 29 -20.27 -1.00 0.93
N ARG A 30 -19.73 -1.45 2.06
CA ARG A 30 -19.83 -2.85 2.45
C ARG A 30 -20.35 -2.99 3.88
N GLY A 31 -21.19 -2.04 4.29
CA GLY A 31 -21.73 -2.06 5.64
C GLY A 31 -21.92 -0.68 6.21
N HIS A 1 27.33 2.32 -10.01
CA HIS A 1 26.06 2.41 -9.24
C HIS A 1 26.02 1.34 -8.14
N ALA A 2 24.88 1.27 -7.45
CA ALA A 2 24.71 0.30 -6.38
C ALA A 2 23.31 -0.30 -6.40
N GLU A 3 22.99 -1.07 -5.36
CA GLU A 3 21.67 -1.70 -5.26
C GLU A 3 20.91 -1.18 -4.05
N GLY A 4 19.66 -0.79 -4.26
CA GLY A 4 18.84 -0.28 -3.17
C GLY A 4 17.44 -0.87 -3.17
N THR A 5 16.81 -0.88 -2.00
CA THR A 5 15.46 -1.41 -1.87
C THR A 5 14.43 -0.46 -2.46
N PHE A 6 13.45 -1.02 -3.16
CA PHE A 6 12.40 -0.22 -3.78
C PHE A 6 11.09 -0.98 -3.84
N THR A 7 11.15 -2.21 -4.34
CA THR A 7 9.97 -3.06 -4.45
C THR A 7 9.35 -3.31 -3.08
N SER A 8 10.18 -3.69 -2.12
CA SER A 8 9.72 -3.95 -0.76
C SER A 8 9.71 -2.69 0.07
N ASP A 9 10.62 -1.77 -0.23
CA ASP A 9 10.72 -0.50 0.49
C ASP A 9 9.42 0.28 0.39
N VAL A 10 8.80 0.26 -0.79
CA VAL A 10 7.54 0.96 -1.01
C VAL A 10 6.41 0.33 -0.23
N SER A 11 6.59 -0.93 0.17
CA SER A 11 5.57 -1.65 0.92
C SER A 11 5.72 -1.41 2.42
N SER A 12 6.92 -0.99 2.83
CA SER A 12 7.19 -0.73 4.24
C SER A 12 6.56 0.57 4.71
N TYR A 13 6.65 1.61 3.90
CA TYR A 13 6.09 2.92 4.26
C TYR A 13 4.60 2.80 4.58
N LEU A 14 3.96 1.76 4.04
CA LEU A 14 2.54 1.54 4.27
C LEU A 14 2.25 1.39 5.76
N GLU A 15 1.08 0.83 6.08
CA GLU A 15 0.67 0.63 7.47
C GLU A 15 0.30 1.97 8.12
N GLY A 16 -0.91 2.43 7.84
CA GLY A 16 -1.37 3.69 8.40
C GLY A 16 -2.73 4.09 7.88
N GLN A 17 -2.84 5.33 7.41
CA GLN A 17 -4.10 5.85 6.88
C GLN A 17 -4.21 5.58 5.39
N ALA A 18 -3.08 5.39 4.73
CA ALA A 18 -3.05 5.12 3.29
C ALA A 18 -3.91 3.89 2.95
N ALA A 19 -3.71 2.82 3.69
CA ALA A 19 -4.47 1.58 3.46
C ALA A 19 -5.97 1.83 3.50
N LYS A 20 -6.38 2.88 4.19
CA LYS A 20 -7.80 3.22 4.29
C LYS A 20 -8.36 3.63 2.94
N GLU A 21 -7.48 4.03 2.01
CA GLU A 21 -7.91 4.44 0.69
C GLU A 21 -8.60 3.31 -0.06
N PHE A 22 -8.15 2.08 0.18
CA PHE A 22 -8.75 0.92 -0.47
C PHE A 22 -9.93 0.38 0.32
N ILE A 23 -9.81 0.40 1.65
CA ILE A 23 -10.88 -0.10 2.50
C ILE A 23 -12.22 0.56 2.17
N ALA A 24 -12.16 1.73 1.54
CA ALA A 24 -13.37 2.44 1.16
C ALA A 24 -14.01 1.81 -0.09
N TRP A 25 -13.23 1.04 -0.84
CA TRP A 25 -13.74 0.39 -2.05
C TRP A 25 -14.32 -0.99 -1.75
N LEU A 26 -13.48 -1.87 -1.21
CA LEU A 26 -13.88 -3.25 -0.92
C LEU A 26 -15.16 -3.33 -0.09
N VAL A 27 -15.50 -2.24 0.60
CA VAL A 27 -16.71 -2.21 1.42
C VAL A 27 -17.91 -1.72 0.60
N ARG A 28 -17.70 -0.64 -0.16
CA ARG A 28 -18.75 -0.08 -0.98
C ARG A 28 -19.11 -1.01 -2.12
N GLY A 29 -18.11 -1.38 -2.93
CA GLY A 29 -18.35 -2.27 -4.05
C GLY A 29 -18.04 -3.72 -3.69
N ARG A 30 -17.31 -4.39 -4.57
CA ARG A 30 -16.96 -5.79 -4.35
C ARG A 30 -18.21 -6.66 -4.26
N GLY A 31 -18.04 -7.95 -4.55
CA GLY A 31 -19.17 -8.86 -4.49
C GLY A 31 -19.89 -8.97 -5.81
N HIS A 1 27.37 -1.12 -7.58
CA HIS A 1 25.90 -1.31 -7.78
C HIS A 1 25.15 -1.24 -6.47
N ALA A 2 23.85 -0.99 -6.54
CA ALA A 2 23.01 -0.90 -5.35
C ALA A 2 21.72 -1.70 -5.53
N GLU A 3 21.32 -2.42 -4.49
CA GLU A 3 20.10 -3.22 -4.54
C GLU A 3 18.89 -2.37 -4.17
N GLY A 4 17.71 -2.99 -4.20
CA GLY A 4 16.49 -2.27 -3.87
C GLY A 4 16.40 -1.95 -2.40
N THR A 5 16.39 -0.65 -2.08
CA THR A 5 16.31 -0.20 -0.69
C THR A 5 14.85 -0.10 -0.24
N PHE A 6 14.64 0.47 0.94
CA PHE A 6 13.30 0.64 1.48
C PHE A 6 13.31 1.54 2.71
N THR A 7 14.36 1.42 3.53
CA THR A 7 14.49 2.22 4.75
C THR A 7 13.92 3.63 4.58
N SER A 8 14.09 4.19 3.38
CA SER A 8 13.59 5.53 3.09
C SER A 8 12.17 5.48 2.53
N ASP A 9 11.94 4.55 1.62
CA ASP A 9 10.63 4.38 1.00
C ASP A 9 9.59 3.89 2.01
N VAL A 10 10.06 3.32 3.12
CA VAL A 10 9.17 2.80 4.15
C VAL A 10 8.05 3.78 4.48
N SER A 11 8.29 5.07 4.25
CA SER A 11 7.28 6.09 4.53
C SER A 11 6.37 6.31 3.32
N SER A 12 6.93 6.14 2.12
CA SER A 12 6.19 6.33 0.89
C SER A 12 5.52 5.04 0.40
N TYR A 13 6.00 3.89 0.86
CA TYR A 13 5.46 2.60 0.42
C TYR A 13 4.23 2.19 1.24
N LEU A 14 4.09 2.74 2.44
CA LEU A 14 2.96 2.40 3.29
C LEU A 14 1.63 2.52 2.54
N GLU A 15 0.60 1.89 3.08
CA GLU A 15 -0.72 1.91 2.46
C GLU A 15 -0.68 1.22 1.09
N GLY A 16 -0.17 -0.01 1.07
CA GLY A 16 -0.09 -0.77 -0.16
C GLY A 16 -1.43 -0.93 -0.85
N GLN A 17 -1.68 -0.12 -1.88
CA GLN A 17 -2.93 -0.18 -2.60
C GLN A 17 -3.15 -1.56 -3.22
N ALA A 18 -2.06 -2.27 -3.48
CA ALA A 18 -2.13 -3.60 -4.08
C ALA A 18 -3.18 -4.47 -3.38
N ALA A 19 -3.00 -4.66 -2.08
CA ALA A 19 -3.93 -5.46 -1.29
C ALA A 19 -5.03 -4.58 -0.71
N LYS A 20 -4.64 -3.45 -0.14
CA LYS A 20 -5.59 -2.51 0.46
C LYS A 20 -6.74 -2.21 -0.50
N GLU A 21 -6.49 -2.37 -1.80
CA GLU A 21 -7.50 -2.12 -2.82
C GLU A 21 -8.85 -2.73 -2.43
N PHE A 22 -8.81 -3.81 -1.66
CA PHE A 22 -10.03 -4.48 -1.23
C PHE A 22 -10.85 -3.56 -0.31
N ILE A 23 -10.15 -2.83 0.56
CA ILE A 23 -10.81 -1.93 1.49
C ILE A 23 -11.70 -0.93 0.76
N ALA A 24 -11.33 -0.57 -0.45
CA ALA A 24 -12.10 0.38 -1.24
C ALA A 24 -13.51 -0.14 -1.51
N TRP A 25 -13.65 -1.45 -1.64
CA TRP A 25 -14.95 -2.06 -1.90
C TRP A 25 -15.83 -2.02 -0.66
N LEU A 26 -15.44 -2.78 0.37
CA LEU A 26 -16.20 -2.85 1.61
C LEU A 26 -16.41 -1.47 2.23
N VAL A 27 -15.36 -0.66 2.26
CA VAL A 27 -15.45 0.68 2.84
C VAL A 27 -16.54 1.51 2.16
N ARG A 28 -16.69 1.34 0.85
CA ARG A 28 -17.70 2.07 0.09
C ARG A 28 -18.92 1.20 -0.18
N GLY A 29 -18.79 0.29 -1.14
CA GLY A 29 -19.89 -0.60 -1.49
C GLY A 29 -20.16 -1.61 -0.39
N ARG A 30 -20.81 -1.17 0.68
CA ARG A 30 -21.13 -2.05 1.79
C ARG A 30 -21.94 -1.31 2.84
N GLY A 31 -22.70 -2.06 3.63
CA GLY A 31 -23.52 -1.45 4.67
C GLY A 31 -25.00 -1.56 4.39
#